data_1CLV
#
_entry.id   1CLV
#
_cell.length_a   119.250
_cell.length_b   119.250
_cell.length_c   64.780
_cell.angle_alpha   90.00
_cell.angle_beta   90.00
_cell.angle_gamma   120.00
#
_symmetry.space_group_name_H-M   'P 61'
#
loop_
_entity.id
_entity.type
_entity.pdbx_description
1 polymer 'PROTEIN (ALPHA-AMYLASE)'
2 polymer 'PROTEIN (ALPHA-AMYLASE INHIBITOR)'
3 non-polymer 'CALCIUM ION'
4 non-polymer 'CHLORIDE ION'
5 water water
#
loop_
_entity_poly.entity_id
_entity_poly.type
_entity_poly.pdbx_seq_one_letter_code
_entity_poly.pdbx_strand_id
1 'polypeptide(L)'
;(PCA)KDANFASGRNSIVHLFEWKWNDIADECERFLQPQGFGGVQISPPNEYLVADGRPWWERYQPVSYIINTRSGDESA
FTDMTRRCNDAGVRIYVDAVINHMTGMNGVGTSGSSADHDGMNYPAVPYGSGDFHSPCEVNNYQDADNVRNCELVGLRDL
NQGSDYVRGVLIDYMNHMIDLGVAGFRVDAAKHMSPGDLSVIFSGLKNLNTDYGFADGARPFIYQEVIDLGGEAISKNEY
TGFGCVLEFQFGVSLGNAFQGGNQLKNLANWGPEWGLLEGLDAVVFVDNHDNQRTGGSQILTYKNPKPYKMAIAFMLAHP
YGTTRIMSSFDFTDNDQGPPQDGSGNLISPGINDDNTCSNGYVCEHRWRQVYGMVGFRNAVEGTQVENWWSNDDNQIAFS
RGSQGFVAFTNGGDLNQNLNTGLPAGTYCDVISGELSGGSCTGKSVTVGDNGSADISLGSAEDDGVLAIHVNAKL
;
A
2 'polypeptide(L)' CIPKWNRCGPKMDGVPCCEPYTCTSDYYGNCS I
#
# COMPACT_ATOMS: atom_id res chain seq x y z
N LYS A 2 -15.97 2.24 -2.39
CA LYS A 2 -14.95 3.28 -2.56
C LYS A 2 -14.75 4.16 -1.33
N ASP A 3 -15.49 3.87 -0.26
CA ASP A 3 -15.35 4.61 0.99
C ASP A 3 -14.44 3.74 1.85
N ALA A 4 -13.31 4.29 2.26
CA ALA A 4 -12.35 3.54 3.08
C ALA A 4 -12.90 3.18 4.45
N ASN A 5 -13.95 3.87 4.89
CA ASN A 5 -14.59 3.63 6.17
C ASN A 5 -13.68 4.02 7.34
N PHE A 6 -12.82 4.99 7.11
CA PHE A 6 -11.92 5.49 8.15
C PHE A 6 -12.75 6.15 9.25
N ALA A 7 -12.19 6.21 10.45
CA ALA A 7 -12.83 6.88 11.58
C ALA A 7 -12.60 8.36 11.28
N SER A 8 -13.35 9.23 11.94
CA SER A 8 -13.23 10.67 11.72
C SER A 8 -11.85 11.18 12.11
N GLY A 9 -11.34 12.10 11.32
CA GLY A 9 -10.04 12.69 11.60
C GLY A 9 -8.85 11.77 11.42
N ARG A 10 -8.96 10.82 10.51
CA ARG A 10 -7.87 9.87 10.26
C ARG A 10 -7.62 9.78 8.76
N ASN A 11 -6.41 9.35 8.39
CA ASN A 11 -6.08 9.17 6.98
C ASN A 11 -4.94 8.17 6.83
N SER A 12 -4.81 7.62 5.64
CA SER A 12 -3.77 6.66 5.28
C SER A 12 -3.87 5.25 5.80
N ILE A 13 -3.47 4.32 4.95
CA ILE A 13 -3.45 2.90 5.25
C ILE A 13 -1.97 2.54 5.28
N VAL A 14 -1.53 1.84 6.33
CA VAL A 14 -0.14 1.42 6.44
C VAL A 14 -0.03 -0.06 6.16
N HIS A 15 0.83 -0.44 5.24
CA HIS A 15 1.02 -1.85 4.94
C HIS A 15 2.03 -2.39 5.94
N LEU A 16 1.56 -3.07 6.99
CA LEU A 16 2.48 -3.64 7.97
C LEU A 16 2.86 -5.04 7.45
N PHE A 17 3.73 -5.00 6.44
CA PHE A 17 4.23 -6.15 5.71
C PHE A 17 4.85 -7.23 6.61
N GLU A 18 4.19 -8.40 6.67
CA GLU A 18 4.64 -9.55 7.45
C GLU A 18 4.57 -9.41 8.97
N TRP A 19 3.77 -8.45 9.45
CA TRP A 19 3.64 -8.27 10.89
C TRP A 19 2.63 -9.27 11.44
N LYS A 20 2.84 -9.66 12.69
CA LYS A 20 1.96 -10.61 13.37
C LYS A 20 0.75 -9.85 13.94
N TRP A 21 -0.36 -10.56 14.13
CA TRP A 21 -1.59 -9.94 14.63
C TRP A 21 -1.43 -9.25 15.99
N ASN A 22 -0.71 -9.89 16.91
CA ASN A 22 -0.49 -9.34 18.25
C ASN A 22 0.30 -8.04 18.21
N ASP A 23 1.26 -7.96 17.29
CA ASP A 23 2.07 -6.76 17.18
C ASP A 23 1.29 -5.62 16.55
N ILE A 24 0.45 -5.94 15.57
CA ILE A 24 -0.38 -4.94 14.92
C ILE A 24 -1.36 -4.37 15.95
N ALA A 25 -1.93 -5.26 16.77
CA ALA A 25 -2.87 -4.84 17.82
C ALA A 25 -2.18 -3.80 18.73
N ASP A 26 -0.93 -4.08 19.13
CA ASP A 26 -0.19 -3.15 19.96
C ASP A 26 0.08 -1.83 19.21
N GLU A 27 0.51 -1.94 17.97
CA GLU A 27 0.81 -0.78 17.14
C GLU A 27 -0.40 0.14 16.97
N CYS A 28 -1.60 -0.43 16.86
CA CYS A 28 -2.83 0.36 16.70
C CYS A 28 -3.05 1.32 17.87
N GLU A 29 -2.84 0.83 19.08
CA GLU A 29 -3.04 1.61 20.30
C GLU A 29 -1.90 2.56 20.67
N ARG A 30 -0.67 2.08 20.60
CA ARG A 30 0.48 2.88 20.99
C ARG A 30 1.00 3.89 19.98
N PHE A 31 0.72 3.69 18.68
CA PHE A 31 1.24 4.60 17.68
C PHE A 31 0.28 5.07 16.59
N LEU A 32 -0.37 4.14 15.91
CA LEU A 32 -1.27 4.48 14.82
C LEU A 32 -2.43 5.42 15.20
N GLN A 33 -3.12 5.12 16.29
CA GLN A 33 -4.20 5.98 16.75
C GLN A 33 -3.70 7.35 17.19
N PRO A 34 -2.70 7.41 18.09
CA PRO A 34 -2.16 8.69 18.54
C PRO A 34 -1.68 9.58 17.38
N GLN A 35 -1.10 8.98 16.35
CA GLN A 35 -0.60 9.75 15.20
C GLN A 35 -1.61 10.02 14.09
N GLY A 36 -2.86 9.61 14.30
CA GLY A 36 -3.91 9.85 13.33
C GLY A 36 -4.00 9.00 12.07
N PHE A 37 -3.49 7.77 12.10
CA PHE A 37 -3.55 6.88 10.94
C PHE A 37 -4.94 6.27 10.82
N GLY A 38 -5.36 5.96 9.59
CA GLY A 38 -6.68 5.40 9.37
C GLY A 38 -6.80 3.89 9.31
N GLY A 39 -5.77 3.18 8.85
CA GLY A 39 -5.90 1.74 8.79
C GLY A 39 -4.62 0.98 8.50
N VAL A 40 -4.73 -0.34 8.53
CA VAL A 40 -3.61 -1.23 8.29
C VAL A 40 -3.96 -2.27 7.24
N GLN A 41 -3.09 -2.43 6.25
CA GLN A 41 -3.27 -3.46 5.25
C GLN A 41 -2.39 -4.58 5.80
N ILE A 42 -3.00 -5.73 6.09
CA ILE A 42 -2.29 -6.87 6.63
C ILE A 42 -1.89 -7.85 5.53
N SER A 43 -0.89 -8.69 5.80
CA SER A 43 -0.46 -9.71 4.85
C SER A 43 -1.56 -10.78 4.85
N PRO A 44 -1.62 -11.62 3.79
CA PRO A 44 -2.66 -12.66 3.71
C PRO A 44 -2.81 -13.46 5.03
N PRO A 45 -4.01 -13.46 5.60
CA PRO A 45 -4.32 -14.16 6.86
C PRO A 45 -4.80 -15.61 6.73
N ASN A 46 -5.00 -16.08 5.50
CA ASN A 46 -5.46 -17.44 5.24
C ASN A 46 -4.29 -18.38 5.03
N GLU A 47 -4.50 -19.65 5.35
CA GLU A 47 -3.46 -20.66 5.21
C GLU A 47 -2.83 -20.67 3.82
N TYR A 48 -1.51 -20.60 3.79
CA TYR A 48 -0.76 -20.60 2.55
C TYR A 48 0.36 -21.62 2.62
N LEU A 49 1.03 -21.84 1.49
CA LEU A 49 2.12 -22.80 1.36
C LEU A 49 3.36 -22.52 2.19
N VAL A 50 3.92 -23.57 2.77
CA VAL A 50 5.14 -23.45 3.54
C VAL A 50 6.24 -23.74 2.50
N ALA A 51 6.82 -22.69 1.94
CA ALA A 51 7.84 -22.85 0.92
C ALA A 51 9.24 -22.90 1.52
N ASP A 52 10.17 -23.52 0.80
CA ASP A 52 11.54 -23.64 1.26
C ASP A 52 12.16 -22.26 1.44
N GLY A 53 12.77 -22.06 2.60
CA GLY A 53 13.41 -20.79 2.90
C GLY A 53 12.46 -19.75 3.48
N ARG A 54 11.17 -20.07 3.51
CA ARG A 54 10.13 -19.19 4.03
C ARG A 54 10.22 -17.78 3.43
N PRO A 55 10.19 -17.69 2.08
CA PRO A 55 10.26 -16.39 1.41
C PRO A 55 8.98 -15.58 1.67
N TRP A 56 9.04 -14.28 1.44
CA TRP A 56 7.86 -13.44 1.65
C TRP A 56 6.70 -13.89 0.75
N TRP A 57 7.02 -14.34 -0.46
CA TRP A 57 6.00 -14.73 -1.41
C TRP A 57 5.24 -16.02 -1.18
N GLU A 58 5.60 -16.80 -0.16
CA GLU A 58 4.86 -18.03 0.11
C GLU A 58 3.43 -17.67 0.48
N ARG A 59 3.24 -16.45 1.01
CA ARG A 59 1.92 -15.97 1.41
C ARG A 59 0.97 -15.81 0.24
N TYR A 60 1.50 -15.78 -0.97
CA TYR A 60 0.67 -15.62 -2.14
C TYR A 60 0.30 -16.92 -2.86
N GLN A 61 0.45 -18.02 -2.13
CA GLN A 61 0.10 -19.35 -2.63
C GLN A 61 -0.83 -20.00 -1.61
N PRO A 62 -2.13 -19.66 -1.67
CA PRO A 62 -3.14 -20.20 -0.74
C PRO A 62 -3.27 -21.72 -0.77
N VAL A 63 -3.50 -22.30 0.40
CA VAL A 63 -3.70 -23.74 0.56
C VAL A 63 -5.15 -23.97 1.03
N SER A 64 -5.71 -22.97 1.74
CA SER A 64 -7.10 -23.02 2.21
C SER A 64 -7.46 -21.64 2.75
N TYR A 65 -8.64 -21.54 3.36
CA TYR A 65 -9.11 -20.28 3.93
C TYR A 65 -9.19 -20.30 5.45
N ILE A 66 -8.46 -21.22 6.07
CA ILE A 66 -8.39 -21.34 7.53
C ILE A 66 -7.51 -20.17 7.96
N ILE A 67 -7.92 -19.46 9.00
CA ILE A 67 -7.16 -18.32 9.47
C ILE A 67 -6.07 -18.76 10.44
N ASN A 68 -4.96 -19.23 9.88
CA ASN A 68 -3.83 -19.68 10.69
C ASN A 68 -2.58 -19.62 9.82
N THR A 69 -1.73 -18.63 10.12
CA THR A 69 -0.51 -18.39 9.36
C THR A 69 0.62 -18.02 10.33
N ARG A 70 1.77 -17.60 9.81
CA ARG A 70 2.87 -17.21 10.69
C ARG A 70 2.51 -15.95 11.48
N SER A 71 1.50 -15.22 11.03
CA SER A 71 1.06 -14.02 11.74
C SER A 71 0.18 -14.35 12.95
N GLY A 72 -0.34 -15.57 13.00
CA GLY A 72 -1.18 -15.96 14.13
C GLY A 72 -2.41 -16.76 13.71
N ASP A 73 -3.19 -17.17 14.70
CA ASP A 73 -4.42 -17.94 14.46
C ASP A 73 -5.63 -17.01 14.50
N GLU A 74 -6.82 -17.59 14.42
CA GLU A 74 -8.03 -16.79 14.43
C GLU A 74 -8.27 -16.02 15.72
N SER A 75 -7.85 -16.59 16.86
CA SER A 75 -8.03 -15.89 18.13
C SER A 75 -7.20 -14.61 18.13
N ALA A 76 -5.95 -14.71 17.70
CA ALA A 76 -5.07 -13.55 17.65
C ALA A 76 -5.63 -12.54 16.65
N PHE A 77 -6.17 -13.06 15.55
CA PHE A 77 -6.76 -12.21 14.52
C PHE A 77 -7.91 -11.37 15.10
N THR A 78 -8.82 -12.02 15.84
CA THR A 78 -9.95 -11.31 16.44
C THR A 78 -9.51 -10.32 17.51
N ASP A 79 -8.47 -10.67 18.24
CA ASP A 79 -7.96 -9.76 19.26
C ASP A 79 -7.49 -8.49 18.55
N MET A 80 -6.82 -8.68 17.40
CA MET A 80 -6.32 -7.57 16.59
C MET A 80 -7.44 -6.69 16.07
N THR A 81 -8.46 -7.29 15.46
CA THR A 81 -9.57 -6.49 14.93
C THR A 81 -10.35 -5.76 16.03
N ARG A 82 -10.54 -6.41 17.17
CA ARG A 82 -11.24 -5.79 18.29
C ARG A 82 -10.45 -4.59 18.78
N ARG A 83 -9.17 -4.80 19.09
CA ARG A 83 -8.34 -3.71 19.59
C ARG A 83 -8.09 -2.59 18.59
N CYS A 84 -7.82 -2.93 17.33
CA CYS A 84 -7.59 -1.89 16.34
C CYS A 84 -8.85 -1.07 16.08
N ASN A 85 -9.99 -1.74 15.95
CA ASN A 85 -11.25 -1.05 15.73
C ASN A 85 -11.62 -0.17 16.92
N ASP A 86 -11.34 -0.64 18.14
CA ASP A 86 -11.61 0.16 19.34
C ASP A 86 -10.73 1.40 19.31
N ALA A 87 -9.54 1.26 18.74
CA ALA A 87 -8.59 2.37 18.61
C ALA A 87 -8.90 3.24 17.38
N GLY A 88 -9.94 2.88 16.63
CA GLY A 88 -10.32 3.64 15.45
C GLY A 88 -9.43 3.39 14.24
N VAL A 89 -8.70 2.27 14.24
CA VAL A 89 -7.81 1.93 13.12
C VAL A 89 -8.39 0.70 12.40
N ARG A 90 -8.73 0.86 11.12
CA ARG A 90 -9.32 -0.21 10.34
C ARG A 90 -8.34 -1.25 9.83
N ILE A 91 -8.85 -2.44 9.53
CA ILE A 91 -8.05 -3.54 9.04
C ILE A 91 -8.51 -3.90 7.62
N TYR A 92 -7.56 -3.98 6.70
CA TYR A 92 -7.84 -4.34 5.32
C TYR A 92 -7.11 -5.64 4.99
N VAL A 93 -7.87 -6.62 4.54
CA VAL A 93 -7.35 -7.95 4.22
C VAL A 93 -6.81 -8.07 2.80
N ASP A 94 -5.63 -8.64 2.67
CA ASP A 94 -5.00 -8.88 1.37
C ASP A 94 -5.66 -10.19 0.90
N ALA A 95 -6.65 -10.08 0.02
CA ALA A 95 -7.39 -11.24 -0.48
C ALA A 95 -6.75 -11.85 -1.72
N VAL A 96 -6.18 -13.03 -1.56
CA VAL A 96 -5.53 -13.74 -2.66
C VAL A 96 -6.56 -14.76 -3.14
N ILE A 97 -7.32 -14.39 -4.18
CA ILE A 97 -8.38 -15.25 -4.68
C ILE A 97 -8.29 -15.68 -6.14
N ASN A 98 -7.19 -15.38 -6.80
CA ASN A 98 -7.02 -15.77 -8.20
C ASN A 98 -6.47 -17.18 -8.37
N HIS A 99 -5.76 -17.68 -7.35
CA HIS A 99 -5.11 -18.97 -7.49
C HIS A 99 -4.80 -19.67 -6.17
N MET A 100 -4.22 -20.85 -6.28
CA MET A 100 -3.80 -21.63 -5.12
C MET A 100 -2.27 -21.76 -5.16
N THR A 101 -1.73 -22.97 -5.26
CA THR A 101 -0.26 -23.15 -5.27
C THR A 101 0.34 -23.54 -6.63
N GLY A 102 1.65 -23.35 -6.74
CA GLY A 102 2.38 -23.68 -7.95
C GLY A 102 3.12 -25.00 -7.81
N MET A 103 3.07 -25.58 -6.62
CA MET A 103 3.71 -26.86 -6.35
C MET A 103 3.08 -27.55 -5.14
N ASN A 104 3.41 -28.82 -4.98
CA ASN A 104 2.88 -29.62 -3.88
C ASN A 104 3.57 -29.32 -2.56
N GLY A 105 2.85 -29.53 -1.48
CA GLY A 105 3.40 -29.27 -0.16
C GLY A 105 2.32 -29.23 0.91
N VAL A 106 2.60 -28.52 1.99
CA VAL A 106 1.65 -28.41 3.10
C VAL A 106 1.52 -26.94 3.46
N GLY A 107 0.36 -26.58 3.99
CA GLY A 107 0.11 -25.22 4.39
C GLY A 107 0.51 -24.96 5.83
N THR A 108 0.44 -23.70 6.23
CA THR A 108 0.79 -23.26 7.57
C THR A 108 -0.12 -23.83 8.66
N SER A 109 -1.22 -24.47 8.27
CA SER A 109 -2.11 -25.05 9.25
C SER A 109 -2.11 -26.57 9.11
N GLY A 110 -1.18 -27.08 8.31
CA GLY A 110 -1.07 -28.52 8.12
C GLY A 110 -1.91 -29.11 7.00
N SER A 111 -2.68 -28.29 6.30
CA SER A 111 -3.51 -28.80 5.21
C SER A 111 -2.63 -29.20 4.04
N SER A 112 -3.10 -30.18 3.28
CA SER A 112 -2.37 -30.69 2.13
C SER A 112 -2.62 -29.81 0.90
N ALA A 113 -1.56 -29.62 0.12
CA ALA A 113 -1.66 -28.85 -1.10
C ALA A 113 -1.17 -29.73 -2.24
N ASP A 114 -2.10 -30.19 -3.07
CA ASP A 114 -1.76 -31.03 -4.21
C ASP A 114 -1.95 -30.28 -5.52
N HIS A 115 -0.91 -29.56 -5.93
CA HIS A 115 -0.92 -28.80 -7.15
C HIS A 115 -1.08 -29.72 -8.34
N ASP A 116 -0.33 -30.82 -8.34
CA ASP A 116 -0.35 -31.80 -9.41
C ASP A 116 -1.74 -32.32 -9.77
N GLY A 117 -2.50 -32.73 -8.76
CA GLY A 117 -3.84 -33.23 -9.00
C GLY A 117 -4.91 -32.18 -8.82
N MET A 118 -4.51 -30.96 -8.47
CA MET A 118 -5.44 -29.84 -8.26
C MET A 118 -6.39 -30.15 -7.10
N ASN A 119 -5.85 -30.69 -6.02
CA ASN A 119 -6.65 -31.02 -4.85
C ASN A 119 -6.20 -30.23 -3.65
N TYR A 120 -7.15 -29.54 -3.03
CA TYR A 120 -6.90 -28.75 -1.84
C TYR A 120 -8.05 -29.16 -0.94
N PRO A 121 -7.87 -30.30 -0.23
CA PRO A 121 -8.80 -30.95 0.70
C PRO A 121 -9.45 -30.09 1.79
N ALA A 122 -8.74 -29.11 2.32
CA ALA A 122 -9.32 -28.29 3.37
C ALA A 122 -10.43 -27.33 2.93
N VAL A 123 -10.53 -27.04 1.64
CA VAL A 123 -11.56 -26.11 1.17
C VAL A 123 -12.96 -26.73 1.05
N PRO A 124 -13.15 -27.78 0.23
CA PRO A 124 -12.21 -28.41 -0.70
C PRO A 124 -12.32 -27.91 -2.15
N TYR A 125 -11.23 -28.05 -2.90
CA TYR A 125 -11.17 -27.70 -4.31
C TYR A 125 -10.68 -28.95 -5.02
N GLY A 126 -11.16 -29.16 -6.23
CA GLY A 126 -10.77 -30.30 -7.04
C GLY A 126 -10.57 -29.78 -8.45
N SER A 127 -10.14 -30.64 -9.37
CA SER A 127 -9.90 -30.23 -10.74
C SER A 127 -10.96 -29.36 -11.39
N GLY A 128 -12.24 -29.71 -11.18
CA GLY A 128 -13.34 -28.97 -11.78
C GLY A 128 -13.50 -27.52 -11.34
N ASP A 129 -12.78 -27.12 -10.30
CA ASP A 129 -12.87 -25.76 -9.79
C ASP A 129 -11.82 -24.84 -10.40
N PHE A 130 -10.95 -25.39 -11.25
CA PHE A 130 -9.89 -24.62 -11.89
C PHE A 130 -10.09 -24.50 -13.39
N HIS A 131 -9.40 -23.52 -13.98
CA HIS A 131 -9.44 -23.33 -15.42
C HIS A 131 -8.50 -24.40 -15.97
N SER A 132 -8.76 -24.84 -17.19
CA SER A 132 -7.89 -25.82 -17.81
C SER A 132 -6.50 -25.20 -17.85
N PRO A 133 -5.46 -25.98 -17.62
CA PRO A 133 -4.13 -25.37 -17.63
C PRO A 133 -3.73 -24.69 -18.95
N CYS A 134 -2.86 -23.71 -18.83
CA CYS A 134 -2.29 -22.93 -19.90
C CYS A 134 -1.53 -21.89 -19.09
N GLU A 135 -0.59 -21.18 -19.71
CA GLU A 135 0.16 -20.18 -18.95
C GLU A 135 -0.06 -18.76 -19.45
N VAL A 136 0.00 -17.82 -18.52
CA VAL A 136 -0.15 -16.41 -18.87
C VAL A 136 1.15 -16.01 -19.56
N ASN A 137 1.06 -15.64 -20.84
CA ASN A 137 2.25 -15.27 -21.58
C ASN A 137 2.02 -14.19 -22.62
N ASN A 138 0.76 -13.77 -22.79
CA ASN A 138 0.45 -12.74 -23.77
C ASN A 138 -0.49 -11.68 -23.20
N TYR A 139 0.07 -10.57 -22.76
CA TYR A 139 -0.72 -9.49 -22.18
C TYR A 139 -1.55 -8.67 -23.15
N GLN A 140 -1.48 -9.04 -24.43
CA GLN A 140 -2.28 -8.38 -25.46
C GLN A 140 -3.56 -9.20 -25.66
N ASP A 141 -3.68 -10.29 -24.91
CA ASP A 141 -4.83 -11.16 -24.98
C ASP A 141 -5.46 -11.28 -23.59
N ALA A 142 -6.54 -10.53 -23.38
CA ALA A 142 -7.25 -10.51 -22.10
C ALA A 142 -7.67 -11.88 -21.59
N ASP A 143 -8.05 -12.78 -22.49
CA ASP A 143 -8.46 -14.13 -22.09
C ASP A 143 -7.28 -14.93 -21.56
N ASN A 144 -6.12 -14.76 -22.18
CA ASN A 144 -4.90 -15.48 -21.76
C ASN A 144 -4.51 -15.01 -20.36
N VAL A 145 -4.51 -13.71 -20.16
CA VAL A 145 -4.16 -13.09 -18.88
C VAL A 145 -5.05 -13.53 -17.71
N ARG A 146 -6.34 -13.66 -17.97
CA ARG A 146 -7.30 -14.03 -16.94
C ARG A 146 -7.59 -15.52 -16.72
N ASN A 147 -7.59 -16.30 -17.79
CA ASN A 147 -7.94 -17.71 -17.67
C ASN A 147 -6.81 -18.71 -17.58
N CYS A 148 -5.57 -18.24 -17.73
CA CYS A 148 -4.44 -19.13 -17.64
C CYS A 148 -3.69 -19.00 -16.32
N GLU A 149 -2.75 -19.90 -16.08
CA GLU A 149 -1.99 -19.89 -14.85
C GLU A 149 -0.91 -18.82 -14.80
N LEU A 150 -0.96 -18.05 -13.73
CA LEU A 150 0.00 -16.98 -13.49
C LEU A 150 1.20 -17.62 -12.81
N VAL A 151 2.34 -17.62 -13.50
CA VAL A 151 3.59 -18.20 -13.01
C VAL A 151 3.44 -19.59 -12.36
N GLY A 152 2.69 -20.47 -13.02
CA GLY A 152 2.49 -21.82 -12.53
C GLY A 152 1.52 -22.05 -11.38
N LEU A 153 0.81 -21.01 -10.93
CA LEU A 153 -0.13 -21.15 -9.83
C LEU A 153 -1.48 -21.59 -10.38
N ARG A 154 -2.03 -22.67 -9.84
CA ARG A 154 -3.33 -23.18 -10.31
C ARG A 154 -4.36 -22.06 -10.30
N ASP A 155 -4.98 -21.83 -11.44
CA ASP A 155 -5.93 -20.75 -11.62
C ASP A 155 -7.40 -21.09 -11.36
N LEU A 156 -7.96 -20.51 -10.30
CA LEU A 156 -9.34 -20.76 -9.92
C LEU A 156 -10.34 -20.24 -10.95
N ASN A 157 -11.45 -20.94 -11.06
CA ASN A 157 -12.49 -20.52 -11.99
C ASN A 157 -13.59 -19.80 -11.22
N GLN A 158 -13.51 -18.47 -11.15
CA GLN A 158 -14.50 -17.67 -10.44
C GLN A 158 -15.83 -17.62 -11.18
N GLY A 159 -15.91 -18.32 -12.31
CA GLY A 159 -17.14 -18.36 -13.07
C GLY A 159 -18.04 -19.43 -12.48
N SER A 160 -17.44 -20.36 -11.75
CA SER A 160 -18.15 -21.47 -11.13
C SER A 160 -18.95 -21.04 -9.91
N ASP A 161 -20.17 -21.53 -9.80
CA ASP A 161 -21.03 -21.21 -8.66
C ASP A 161 -20.44 -21.70 -7.36
N TYR A 162 -19.82 -22.88 -7.39
CA TYR A 162 -19.21 -23.43 -6.18
C TYR A 162 -18.07 -22.52 -5.71
N VAL A 163 -17.17 -22.17 -6.63
CA VAL A 163 -16.04 -21.32 -6.30
C VAL A 163 -16.47 -19.95 -5.77
N ARG A 164 -17.44 -19.31 -6.43
CA ARG A 164 -17.95 -18.02 -5.98
C ARG A 164 -18.46 -18.14 -4.55
N GLY A 165 -19.18 -19.23 -4.28
CA GLY A 165 -19.71 -19.45 -2.95
C GLY A 165 -18.59 -19.53 -1.92
N VAL A 166 -17.54 -20.29 -2.24
CA VAL A 166 -16.40 -20.44 -1.35
C VAL A 166 -15.73 -19.10 -1.07
N LEU A 167 -15.48 -18.32 -2.12
CA LEU A 167 -14.84 -17.01 -2.00
C LEU A 167 -15.69 -16.03 -1.22
N ILE A 168 -17.00 -16.01 -1.49
CA ILE A 168 -17.92 -15.12 -0.76
C ILE A 168 -17.93 -15.49 0.71
N ASP A 169 -17.94 -16.79 1.01
CA ASP A 169 -17.93 -17.25 2.40
C ASP A 169 -16.66 -16.80 3.12
N TYR A 170 -15.52 -16.95 2.45
CA TYR A 170 -14.24 -16.53 3.04
C TYR A 170 -14.27 -15.04 3.38
N MET A 171 -14.60 -14.22 2.39
CA MET A 171 -14.67 -12.78 2.57
C MET A 171 -15.71 -12.32 3.59
N ASN A 172 -16.87 -12.98 3.63
CA ASN A 172 -17.89 -12.62 4.61
C ASN A 172 -17.44 -13.03 6.01
N HIS A 173 -16.64 -14.08 6.10
CA HIS A 173 -16.12 -14.53 7.39
C HIS A 173 -15.23 -13.42 7.93
N MET A 174 -14.42 -12.83 7.06
CA MET A 174 -13.53 -11.73 7.45
C MET A 174 -14.35 -10.51 7.90
N ILE A 175 -15.42 -10.22 7.18
CA ILE A 175 -16.30 -9.11 7.52
C ILE A 175 -16.91 -9.34 8.91
N ASP A 176 -17.30 -10.58 9.21
CA ASP A 176 -17.87 -10.92 10.51
C ASP A 176 -16.84 -10.65 11.62
N LEU A 177 -15.56 -10.84 11.30
CA LEU A 177 -14.49 -10.63 12.27
C LEU A 177 -14.02 -9.16 12.37
N GLY A 178 -14.76 -8.24 11.74
CA GLY A 178 -14.42 -6.83 11.85
C GLY A 178 -13.50 -6.15 10.86
N VAL A 179 -13.22 -6.75 9.70
CA VAL A 179 -12.36 -6.07 8.72
C VAL A 179 -13.17 -5.00 7.99
N ALA A 180 -12.49 -3.96 7.50
CA ALA A 180 -13.17 -2.86 6.82
C ALA A 180 -13.16 -2.96 5.30
N GLY A 181 -12.32 -3.83 4.75
CA GLY A 181 -12.26 -3.93 3.31
C GLY A 181 -11.19 -4.89 2.85
N PHE A 182 -10.95 -4.90 1.55
CA PHE A 182 -9.99 -5.82 0.95
C PHE A 182 -9.10 -5.23 -0.13
N ARG A 183 -7.85 -5.71 -0.12
CA ARG A 183 -6.87 -5.36 -1.13
C ARG A 183 -6.97 -6.61 -2.00
N VAL A 184 -7.48 -6.47 -3.21
CA VAL A 184 -7.64 -7.61 -4.11
C VAL A 184 -6.39 -7.88 -4.92
N ASP A 185 -5.72 -8.97 -4.57
CA ASP A 185 -4.49 -9.41 -5.22
C ASP A 185 -4.72 -9.89 -6.66
N ALA A 186 -3.84 -9.48 -7.57
CA ALA A 186 -3.91 -9.88 -8.98
C ALA A 186 -5.28 -9.74 -9.65
N ALA A 187 -5.95 -8.63 -9.37
CA ALA A 187 -7.28 -8.35 -9.93
C ALA A 187 -7.29 -8.38 -11.45
N LYS A 188 -6.18 -7.96 -12.07
CA LYS A 188 -6.07 -7.97 -13.53
C LYS A 188 -6.20 -9.38 -14.10
N HIS A 189 -5.84 -10.37 -13.28
CA HIS A 189 -5.89 -11.75 -13.72
C HIS A 189 -7.22 -12.46 -13.48
N MET A 190 -8.25 -11.67 -13.19
CA MET A 190 -9.61 -12.18 -12.96
C MET A 190 -10.57 -11.34 -13.77
N SER A 191 -11.72 -11.93 -14.11
CA SER A 191 -12.73 -11.23 -14.90
C SER A 191 -13.62 -10.33 -14.05
N PRO A 192 -13.80 -9.06 -14.48
CA PRO A 192 -14.63 -8.08 -13.78
C PRO A 192 -16.05 -8.61 -13.59
N GLY A 193 -16.54 -9.36 -14.56
CA GLY A 193 -17.87 -9.94 -14.49
C GLY A 193 -18.04 -10.86 -13.30
N ASP A 194 -17.00 -11.62 -12.98
CA ASP A 194 -17.05 -12.53 -11.85
C ASP A 194 -16.86 -11.75 -10.57
N LEU A 195 -15.94 -10.79 -10.58
CA LEU A 195 -15.65 -9.98 -9.40
C LEU A 195 -16.86 -9.18 -8.94
N SER A 196 -17.62 -8.61 -9.87
CA SER A 196 -18.79 -7.83 -9.50
C SER A 196 -19.78 -8.71 -8.73
N VAL A 197 -19.96 -9.94 -9.18
CA VAL A 197 -20.87 -10.89 -8.53
C VAL A 197 -20.38 -11.19 -7.11
N ILE A 198 -19.09 -11.50 -6.98
CA ILE A 198 -18.51 -11.79 -5.68
C ILE A 198 -18.64 -10.62 -4.70
N PHE A 199 -18.23 -9.44 -5.15
CA PHE A 199 -18.29 -8.26 -4.29
C PHE A 199 -19.74 -7.90 -3.91
N SER A 200 -20.69 -8.16 -4.81
CA SER A 200 -22.10 -7.88 -4.53
C SER A 200 -22.67 -8.79 -3.46
N GLY A 201 -22.10 -9.99 -3.34
CA GLY A 201 -22.56 -10.95 -2.35
C GLY A 201 -21.99 -10.72 -0.96
N LEU A 202 -21.15 -9.70 -0.81
CA LEU A 202 -20.54 -9.40 0.47
C LEU A 202 -21.54 -8.68 1.37
N LYS A 203 -21.58 -9.07 2.63
CA LYS A 203 -22.50 -8.45 3.58
C LYS A 203 -21.96 -7.11 4.05
N ASN A 204 -22.84 -6.28 4.61
CA ASN A 204 -22.45 -4.98 5.13
C ASN A 204 -21.48 -5.19 6.28
N LEU A 205 -20.72 -4.15 6.62
CA LEU A 205 -19.76 -4.24 7.70
C LEU A 205 -20.43 -4.46 9.06
N ASN A 206 -19.72 -5.17 9.93
CA ASN A 206 -20.21 -5.52 11.27
C ASN A 206 -20.23 -4.33 12.22
N THR A 207 -21.44 -3.88 12.54
CA THR A 207 -21.64 -2.76 13.44
C THR A 207 -21.07 -2.99 14.83
N ASP A 208 -20.85 -4.25 15.21
CA ASP A 208 -20.28 -4.56 16.51
C ASP A 208 -18.85 -4.02 16.63
N TYR A 209 -18.26 -3.65 15.50
CA TYR A 209 -16.90 -3.11 15.52
C TYR A 209 -16.82 -1.59 15.31
N GLY A 210 -17.97 -0.93 15.39
CA GLY A 210 -17.98 0.52 15.25
C GLY A 210 -18.32 1.10 13.89
N PHE A 211 -18.74 0.25 12.96
CA PHE A 211 -19.12 0.74 11.64
C PHE A 211 -20.57 1.19 11.62
N ALA A 212 -20.85 2.17 10.77
CA ALA A 212 -22.20 2.69 10.63
C ALA A 212 -23.06 1.66 9.90
N ASP A 213 -24.37 1.68 10.17
CA ASP A 213 -25.29 0.76 9.50
C ASP A 213 -25.23 1.05 8.01
N GLY A 214 -25.24 -0.02 7.21
CA GLY A 214 -25.19 0.14 5.77
C GLY A 214 -23.79 0.37 5.20
N ALA A 215 -22.76 0.30 6.04
CA ALA A 215 -21.39 0.48 5.58
C ALA A 215 -21.00 -0.70 4.70
N ARG A 216 -20.37 -0.40 3.57
CA ARG A 216 -19.94 -1.42 2.62
C ARG A 216 -18.43 -1.60 2.66
N PRO A 217 -17.96 -2.85 2.47
CA PRO A 217 -16.52 -3.09 2.49
C PRO A 217 -15.76 -2.31 1.41
N PHE A 218 -14.62 -1.73 1.81
CA PHE A 218 -13.78 -0.98 0.89
C PHE A 218 -13.05 -1.97 0.00
N ILE A 219 -13.08 -1.74 -1.31
CA ILE A 219 -12.44 -2.62 -2.26
C ILE A 219 -11.38 -1.85 -3.06
N TYR A 220 -10.13 -2.29 -3.01
CA TYR A 220 -9.08 -1.65 -3.80
C TYR A 220 -8.30 -2.76 -4.47
N GLN A 221 -8.23 -2.68 -5.80
CA GLN A 221 -7.65 -3.71 -6.62
C GLN A 221 -6.30 -3.50 -7.31
N GLU A 222 -5.47 -4.54 -7.29
CA GLU A 222 -4.17 -4.47 -7.94
C GLU A 222 -4.34 -4.78 -9.42
N VAL A 223 -4.14 -3.78 -10.28
CA VAL A 223 -4.27 -3.99 -11.72
C VAL A 223 -2.94 -3.84 -12.48
N ILE A 224 -2.12 -2.85 -12.11
CA ILE A 224 -0.85 -2.58 -12.77
C ILE A 224 -1.11 -2.25 -14.24
N ASP A 225 -1.65 -1.07 -14.47
CA ASP A 225 -1.94 -0.64 -15.82
C ASP A 225 -1.11 0.58 -16.17
N LEU A 226 -0.16 0.40 -17.07
CA LEU A 226 0.67 1.51 -17.50
C LEU A 226 0.44 1.80 -18.98
N GLY A 227 -0.64 1.24 -19.52
CA GLY A 227 -0.97 1.43 -20.92
C GLY A 227 -0.37 0.36 -21.80
N GLY A 228 -0.85 0.27 -23.04
CA GLY A 228 -0.33 -0.70 -23.98
C GLY A 228 -0.61 -2.17 -23.73
N GLU A 229 -1.77 -2.47 -23.15
CA GLU A 229 -2.16 -3.86 -22.86
C GLU A 229 -3.63 -4.05 -23.19
N ALA A 230 -4.06 -5.30 -23.25
CA ALA A 230 -5.43 -5.65 -23.56
C ALA A 230 -6.39 -5.26 -22.44
N ILE A 231 -5.89 -5.30 -21.20
CA ILE A 231 -6.73 -4.98 -20.04
C ILE A 231 -6.46 -3.57 -19.51
N SER A 232 -7.53 -2.88 -19.13
CA SER A 232 -7.42 -1.53 -18.61
C SER A 232 -7.97 -1.43 -17.19
N LYS A 233 -7.41 -0.51 -16.42
CA LYS A 233 -7.80 -0.25 -15.04
C LYS A 233 -9.24 0.25 -14.97
N ASN A 234 -9.71 0.87 -16.05
CA ASN A 234 -11.07 1.39 -16.13
C ASN A 234 -12.15 0.32 -16.09
N GLU A 235 -11.76 -0.93 -16.34
CA GLU A 235 -12.71 -2.05 -16.31
C GLU A 235 -13.06 -2.46 -14.88
N TYR A 236 -12.29 -1.97 -13.90
CA TYR A 236 -12.51 -2.36 -12.52
C TYR A 236 -13.04 -1.29 -11.57
N THR A 237 -13.13 -0.04 -12.03
CA THR A 237 -13.58 1.04 -11.16
C THR A 237 -15.08 1.15 -10.93
N GLY A 238 -15.85 0.26 -11.52
CA GLY A 238 -17.29 0.28 -11.33
C GLY A 238 -17.72 -0.30 -10.00
N PHE A 239 -16.88 -1.15 -9.41
CA PHE A 239 -17.20 -1.78 -8.15
C PHE A 239 -16.13 -1.64 -7.06
N GLY A 240 -15.23 -0.69 -7.24
CA GLY A 240 -14.18 -0.48 -6.25
C GLY A 240 -13.07 0.42 -6.76
N CYS A 241 -12.09 0.66 -5.90
CA CYS A 241 -10.95 1.49 -6.26
C CYS A 241 -9.88 0.62 -6.87
N VAL A 242 -8.96 1.27 -7.59
CA VAL A 242 -7.86 0.57 -8.22
C VAL A 242 -6.54 1.18 -7.72
N LEU A 243 -5.57 0.32 -7.47
CA LEU A 243 -4.26 0.77 -7.03
C LEU A 243 -3.61 1.41 -8.25
N GLU A 244 -3.41 2.73 -8.17
CA GLU A 244 -2.85 3.50 -9.27
C GLU A 244 -1.32 3.38 -9.36
N PHE A 245 -0.86 2.42 -10.13
CA PHE A 245 0.57 2.16 -10.29
C PHE A 245 1.35 3.31 -10.98
N GLN A 246 0.69 4.05 -11.87
CA GLN A 246 1.32 5.16 -12.58
C GLN A 246 1.79 6.29 -11.64
N PHE A 247 1.11 6.44 -10.50
CA PHE A 247 1.41 7.46 -9.50
C PHE A 247 2.87 7.37 -9.02
N GLY A 248 3.24 6.22 -8.46
CA GLY A 248 4.59 6.03 -7.97
C GLY A 248 5.66 6.12 -9.06
N VAL A 249 5.35 5.61 -10.24
CA VAL A 249 6.27 5.65 -11.37
C VAL A 249 6.58 7.09 -11.79
N SER A 250 5.54 7.91 -11.97
CA SER A 250 5.74 9.31 -12.35
C SER A 250 6.40 10.13 -11.25
N LEU A 251 5.99 9.93 -10.00
CA LEU A 251 6.59 10.67 -8.88
C LEU A 251 8.04 10.26 -8.67
N GLY A 252 8.32 8.97 -8.82
CA GLY A 252 9.67 8.47 -8.65
C GLY A 252 10.63 9.13 -9.63
N ASN A 253 10.13 9.35 -10.84
CA ASN A 253 10.91 9.99 -11.90
C ASN A 253 11.10 11.48 -11.61
N ALA A 254 10.01 12.18 -11.30
CA ALA A 254 10.06 13.60 -11.02
C ALA A 254 11.01 13.93 -9.87
N PHE A 255 10.84 13.27 -8.74
CA PHE A 255 11.68 13.53 -7.58
C PHE A 255 13.12 13.04 -7.69
N GLN A 256 13.45 12.35 -8.76
CA GLN A 256 14.81 11.91 -8.97
C GLN A 256 15.45 12.78 -10.05
N GLY A 257 14.79 13.90 -10.36
CA GLY A 257 15.30 14.83 -11.35
C GLY A 257 14.96 14.56 -12.80
N GLY A 258 14.12 13.57 -13.07
CA GLY A 258 13.75 13.26 -14.43
C GLY A 258 12.64 14.16 -14.97
N ASN A 259 12.19 15.09 -14.14
CA ASN A 259 11.14 16.02 -14.52
C ASN A 259 11.19 17.16 -13.52
N GLN A 260 11.00 18.38 -14.00
CA GLN A 260 11.03 19.57 -13.14
C GLN A 260 9.80 19.59 -12.27
N LEU A 261 9.99 19.84 -10.97
CA LEU A 261 8.89 19.89 -10.03
C LEU A 261 7.78 20.88 -10.38
N LYS A 262 8.12 21.96 -11.06
CA LYS A 262 7.13 22.97 -11.46
C LYS A 262 6.02 22.35 -12.32
N ASN A 263 6.32 21.23 -12.96
CA ASN A 263 5.36 20.54 -13.81
C ASN A 263 4.27 19.80 -13.05
N LEU A 264 4.43 19.67 -11.74
CA LEU A 264 3.45 18.98 -10.91
C LEU A 264 2.23 19.85 -10.61
N ALA A 265 2.20 21.06 -11.17
CA ALA A 265 1.09 21.99 -10.95
C ALA A 265 -0.27 21.41 -11.37
N ASN A 266 -0.28 20.57 -12.41
CA ASN A 266 -1.52 19.96 -12.90
C ASN A 266 -1.53 18.46 -12.64
N TRP A 267 -0.82 18.04 -11.60
CA TRP A 267 -0.74 16.64 -11.21
C TRP A 267 -2.15 16.08 -11.00
N GLY A 268 -2.44 14.94 -11.60
CA GLY A 268 -3.74 14.32 -11.46
C GLY A 268 -4.14 13.62 -12.73
N PRO A 269 -5.45 13.53 -13.04
CA PRO A 269 -5.95 12.87 -14.25
C PRO A 269 -5.34 13.38 -15.56
N GLU A 270 -4.89 14.63 -15.58
CA GLU A 270 -4.26 15.18 -16.79
C GLU A 270 -2.99 14.41 -17.12
N TRP A 271 -2.40 13.80 -16.09
CA TRP A 271 -1.19 13.01 -16.26
C TRP A 271 -1.51 11.56 -16.59
N GLY A 272 -2.77 11.28 -16.88
CA GLY A 272 -3.16 9.93 -17.21
C GLY A 272 -3.53 9.10 -16.01
N LEU A 273 -3.71 9.73 -14.86
CA LEU A 273 -4.09 9.00 -13.66
C LEU A 273 -5.60 8.84 -13.59
N LEU A 274 -6.05 7.88 -12.78
CA LEU A 274 -7.46 7.63 -12.58
C LEU A 274 -8.05 8.87 -11.91
N GLU A 275 -9.37 9.00 -11.96
CA GLU A 275 -10.04 10.08 -11.27
C GLU A 275 -9.72 9.80 -9.79
N GLY A 276 -9.44 10.85 -9.03
CA GLY A 276 -9.07 10.72 -7.62
C GLY A 276 -9.87 9.80 -6.72
N LEU A 277 -11.20 9.86 -6.78
CA LEU A 277 -12.05 9.01 -5.96
C LEU A 277 -11.93 7.52 -6.27
N ASP A 278 -11.35 7.17 -7.41
CA ASP A 278 -11.21 5.76 -7.78
C ASP A 278 -9.81 5.23 -7.50
N ALA A 279 -8.95 6.07 -6.95
CA ALA A 279 -7.57 5.66 -6.73
C ALA A 279 -7.02 5.55 -5.32
N VAL A 280 -6.14 4.55 -5.15
CA VAL A 280 -5.42 4.34 -3.91
C VAL A 280 -3.99 4.51 -4.42
N VAL A 281 -3.28 5.48 -3.85
CA VAL A 281 -1.93 5.80 -4.27
C VAL A 281 -0.86 5.44 -3.26
N PHE A 282 0.37 5.31 -3.74
CA PHE A 282 1.51 4.94 -2.89
C PHE A 282 2.78 5.26 -3.67
N VAL A 283 3.89 5.43 -2.96
CA VAL A 283 5.17 5.72 -3.60
C VAL A 283 5.82 4.40 -4.02
N ASP A 284 5.79 3.43 -3.11
CA ASP A 284 6.32 2.10 -3.41
C ASP A 284 5.43 1.11 -2.68
N ASN A 285 5.45 -0.14 -3.13
CA ASN A 285 4.69 -1.20 -2.48
C ASN A 285 5.62 -2.38 -2.22
N HIS A 286 5.10 -3.43 -1.59
CA HIS A 286 5.92 -4.59 -1.25
C HIS A 286 6.55 -5.29 -2.44
N ASP A 287 5.92 -5.18 -3.60
CA ASP A 287 6.40 -5.82 -4.81
C ASP A 287 7.46 -5.02 -5.57
N ASN A 288 7.13 -3.78 -5.93
CA ASN A 288 8.06 -2.97 -6.69
C ASN A 288 9.28 -2.40 -5.96
N GLN A 289 9.33 -2.52 -4.63
CA GLN A 289 10.50 -2.04 -3.91
C GLN A 289 11.65 -3.03 -4.16
N ARG A 290 11.31 -4.18 -4.73
CA ARG A 290 12.28 -5.21 -5.10
C ARG A 290 12.42 -5.09 -6.62
N THR A 291 13.23 -4.15 -7.09
CA THR A 291 13.40 -3.95 -8.53
C THR A 291 14.83 -4.03 -9.02
N GLY A 292 14.96 -4.40 -10.29
CA GLY A 292 16.28 -4.49 -10.90
C GLY A 292 16.74 -3.14 -11.42
N GLY A 293 15.99 -2.09 -11.10
CA GLY A 293 16.35 -0.76 -11.54
C GLY A 293 16.28 0.23 -10.41
N SER A 294 16.07 1.51 -10.74
CA SER A 294 15.98 2.56 -9.72
C SER A 294 14.89 3.57 -10.04
N GLN A 295 13.86 3.13 -10.74
CA GLN A 295 12.76 4.00 -11.12
C GLN A 295 11.80 4.21 -9.95
N ILE A 296 11.78 3.24 -9.04
CA ILE A 296 10.92 3.31 -7.86
C ILE A 296 11.74 3.78 -6.68
N LEU A 297 11.19 4.74 -5.94
CA LEU A 297 11.86 5.27 -4.75
C LEU A 297 11.51 4.36 -3.57
N THR A 298 12.53 4.03 -2.76
CA THR A 298 12.32 3.16 -1.61
C THR A 298 13.11 3.70 -0.42
N TYR A 299 13.03 3.01 0.71
CA TYR A 299 13.73 3.42 1.92
C TYR A 299 15.24 3.49 1.71
N LYS A 300 15.75 2.83 0.68
CA LYS A 300 17.19 2.83 0.39
C LYS A 300 17.70 4.12 -0.28
N ASN A 301 16.78 5.01 -0.63
CA ASN A 301 17.10 6.31 -1.25
C ASN A 301 16.19 7.27 -0.47
N PRO A 302 16.48 7.44 0.84
CA PRO A 302 15.79 8.25 1.84
C PRO A 302 15.30 9.64 1.44
N LYS A 303 16.23 10.53 1.08
CA LYS A 303 15.87 11.90 0.75
C LYS A 303 14.75 12.09 -0.28
N PRO A 304 14.94 11.65 -1.54
CA PRO A 304 13.84 11.86 -2.48
C PRO A 304 12.59 11.05 -2.12
N TYR A 305 12.80 9.88 -1.49
CA TYR A 305 11.71 9.00 -1.07
C TYR A 305 10.78 9.75 -0.10
N LYS A 306 11.36 10.40 0.91
CA LYS A 306 10.57 11.16 1.87
C LYS A 306 9.92 12.38 1.20
N MET A 307 10.55 12.93 0.17
CA MET A 307 9.98 14.07 -0.54
C MET A 307 8.74 13.63 -1.30
N ALA A 308 8.83 12.49 -1.99
CA ALA A 308 7.69 11.96 -2.74
C ALA A 308 6.52 11.63 -1.80
N ILE A 309 6.82 11.00 -0.66
CA ILE A 309 5.78 10.65 0.31
C ILE A 309 5.10 11.91 0.86
N ALA A 310 5.90 12.94 1.11
CA ALA A 310 5.38 14.21 1.62
C ALA A 310 4.46 14.86 0.60
N PHE A 311 4.85 14.81 -0.67
CA PHE A 311 4.03 15.39 -1.73
C PHE A 311 2.70 14.63 -1.79
N MET A 312 2.78 13.29 -1.73
CA MET A 312 1.59 12.46 -1.76
C MET A 312 0.62 12.82 -0.62
N LEU A 313 1.14 12.95 0.59
CA LEU A 313 0.32 13.28 1.75
C LEU A 313 -0.18 14.73 1.82
N ALA A 314 0.49 15.65 1.13
CA ALA A 314 0.09 17.05 1.10
C ALA A 314 -0.96 17.33 0.02
N HIS A 315 -0.88 16.56 -1.06
CA HIS A 315 -1.79 16.72 -2.19
C HIS A 315 -3.12 16.02 -1.95
N PRO A 316 -4.23 16.64 -2.37
CA PRO A 316 -5.54 16.01 -2.15
C PRO A 316 -5.92 14.78 -2.99
N TYR A 317 -5.12 14.43 -3.98
CA TYR A 317 -5.41 13.30 -4.84
C TYR A 317 -5.38 11.90 -4.19
N GLY A 318 -6.48 11.18 -4.30
CA GLY A 318 -6.61 9.82 -3.81
C GLY A 318 -6.52 9.44 -2.33
N THR A 319 -6.64 8.13 -2.08
CA THR A 319 -6.53 7.54 -0.75
C THR A 319 -5.08 7.06 -0.70
N THR A 320 -4.37 7.44 0.35
CA THR A 320 -2.97 7.14 0.48
C THR A 320 -2.57 5.91 1.28
N ARG A 321 -1.62 5.16 0.74
CA ARG A 321 -1.10 3.97 1.41
C ARG A 321 0.40 4.14 1.59
N ILE A 322 0.87 3.79 2.78
CA ILE A 322 2.27 3.90 3.14
C ILE A 322 2.86 2.52 3.38
N MET A 323 3.99 2.24 2.75
CA MET A 323 4.69 0.98 2.90
C MET A 323 5.50 0.95 4.20
N SER A 324 5.51 -0.21 4.85
CA SER A 324 6.30 -0.42 6.07
C SER A 324 7.02 -1.75 5.84
N SER A 325 8.31 -1.63 5.52
CA SER A 325 9.16 -2.76 5.16
C SER A 325 10.04 -3.41 6.21
N PHE A 326 10.63 -4.53 5.83
CA PHE A 326 11.60 -5.22 6.66
C PHE A 326 12.86 -5.11 5.83
N ASP A 327 14.00 -4.99 6.49
CA ASP A 327 15.28 -4.86 5.78
C ASP A 327 15.57 -6.08 4.93
N PHE A 328 16.08 -5.86 3.72
CA PHE A 328 16.41 -6.96 2.84
C PHE A 328 17.54 -6.62 1.89
N THR A 329 18.31 -7.65 1.49
CA THR A 329 19.41 -7.47 0.54
C THR A 329 19.09 -8.28 -0.70
N ASP A 330 18.30 -9.34 -0.52
CA ASP A 330 17.92 -10.22 -1.63
C ASP A 330 16.41 -10.10 -1.86
N ASN A 331 15.98 -10.28 -3.10
CA ASN A 331 14.56 -10.16 -3.45
C ASN A 331 13.62 -11.24 -2.91
N ASP A 332 14.12 -12.47 -2.76
CA ASP A 332 13.29 -13.55 -2.24
C ASP A 332 13.31 -13.67 -0.72
N GLN A 333 14.25 -12.98 -0.09
CA GLN A 333 14.42 -13.01 1.36
C GLN A 333 13.09 -12.77 2.10
N GLY A 334 12.81 -13.64 3.06
CA GLY A 334 11.61 -13.50 3.85
C GLY A 334 11.86 -12.61 5.06
N PRO A 335 10.82 -12.30 5.84
CA PRO A 335 10.91 -11.46 7.04
C PRO A 335 11.77 -12.10 8.14
N PRO A 336 12.19 -11.31 9.15
CA PRO A 336 13.02 -11.81 10.27
C PRO A 336 12.36 -13.04 10.91
N GLN A 337 13.12 -14.12 11.05
CA GLN A 337 12.59 -15.35 11.62
C GLN A 337 13.69 -16.02 12.45
N ASP A 338 13.28 -16.91 13.35
CA ASP A 338 14.26 -17.63 14.18
C ASP A 338 14.62 -18.95 13.53
N GLY A 339 15.36 -19.78 14.26
CA GLY A 339 15.77 -21.08 13.73
C GLY A 339 14.63 -22.00 13.34
N SER A 340 13.48 -21.87 14.00
CA SER A 340 12.32 -22.72 13.71
C SER A 340 11.34 -22.17 12.65
N GLY A 341 11.59 -20.97 12.15
CA GLY A 341 10.71 -20.40 11.15
C GLY A 341 9.67 -19.44 11.71
N ASN A 342 9.69 -19.21 13.02
CA ASN A 342 8.73 -18.28 13.62
C ASN A 342 9.19 -16.86 13.34
N LEU A 343 8.22 -15.97 13.14
CA LEU A 343 8.50 -14.56 12.87
C LEU A 343 9.02 -13.85 14.10
N ILE A 344 10.01 -12.99 13.90
CA ILE A 344 10.55 -12.21 15.01
C ILE A 344 9.81 -10.87 15.02
N SER A 345 9.24 -10.53 16.16
CA SER A 345 8.49 -9.29 16.32
C SER A 345 9.35 -8.03 16.31
N PRO A 346 8.83 -6.94 15.70
CA PRO A 346 9.60 -5.70 15.66
C PRO A 346 9.78 -5.20 17.10
N GLY A 347 10.96 -4.69 17.42
CA GLY A 347 11.17 -4.17 18.75
C GLY A 347 11.13 -2.66 18.65
N ILE A 348 10.54 -1.99 19.63
CA ILE A 348 10.45 -0.53 19.60
C ILE A 348 11.55 0.09 20.46
N ASN A 349 12.44 0.83 19.82
CA ASN A 349 13.56 1.47 20.51
C ASN A 349 13.11 2.76 21.18
N ASP A 350 13.92 3.24 22.13
CA ASP A 350 13.62 4.46 22.87
C ASP A 350 13.35 5.67 21.98
N ASP A 351 13.99 5.71 20.81
CA ASP A 351 13.81 6.80 19.85
C ASP A 351 12.68 6.48 18.85
N ASN A 352 11.77 5.60 19.26
CA ASN A 352 10.62 5.19 18.46
C ASN A 352 10.92 4.54 17.11
N THR A 353 12.13 4.02 16.94
CA THR A 353 12.50 3.33 15.72
C THR A 353 12.38 1.84 16.01
N CYS A 354 12.40 1.01 14.99
CA CYS A 354 12.27 -0.42 15.22
C CYS A 354 13.58 -1.18 15.17
N SER A 355 13.61 -2.31 15.87
CA SER A 355 14.77 -3.17 15.90
C SER A 355 14.32 -4.49 15.28
N ASN A 356 15.19 -5.48 15.31
CA ASN A 356 14.90 -6.81 14.78
C ASN A 356 14.71 -6.92 13.26
N GLY A 357 15.20 -5.92 12.52
CA GLY A 357 15.13 -5.97 11.07
C GLY A 357 13.96 -5.33 10.35
N TYR A 358 13.27 -4.40 11.00
CA TYR A 358 12.14 -3.73 10.38
C TYR A 358 12.49 -2.28 10.14
N VAL A 359 12.13 -1.78 8.96
CA VAL A 359 12.42 -0.40 8.59
C VAL A 359 11.49 0.57 9.29
N CYS A 360 10.22 0.21 9.41
CA CYS A 360 9.22 1.05 10.06
C CYS A 360 9.16 2.47 9.53
N GLU A 361 8.96 2.60 8.21
CA GLU A 361 8.86 3.91 7.58
C GLU A 361 7.75 4.74 8.19
N HIS A 362 6.68 4.09 8.62
CA HIS A 362 5.55 4.81 9.22
C HIS A 362 5.90 5.49 10.54
N ARG A 363 7.01 5.10 11.15
CA ARG A 363 7.45 5.70 12.40
C ARG A 363 8.48 6.84 12.18
N TRP A 364 8.80 7.12 10.92
CA TRP A 364 9.72 8.20 10.59
C TRP A 364 8.97 9.50 10.79
N ARG A 365 9.59 10.44 11.49
CA ARG A 365 9.01 11.76 11.79
C ARG A 365 8.44 12.45 10.55
N GLN A 366 9.17 12.38 9.44
CA GLN A 366 8.77 13.01 8.19
C GLN A 366 7.51 12.37 7.62
N VAL A 367 7.32 11.09 7.89
CA VAL A 367 6.15 10.36 7.40
C VAL A 367 4.93 10.59 8.29
N TYR A 368 5.01 10.26 9.59
CA TYR A 368 3.85 10.47 10.46
C TYR A 368 3.53 11.96 10.63
N GLY A 369 4.55 12.81 10.49
CA GLY A 369 4.33 14.24 10.58
C GLY A 369 3.42 14.69 9.43
N MET A 370 3.61 14.08 8.26
CA MET A 370 2.79 14.41 7.09
C MET A 370 1.40 13.80 7.16
N VAL A 371 1.25 12.69 7.90
CA VAL A 371 -0.08 12.09 8.08
C VAL A 371 -0.85 13.10 8.95
N GLY A 372 -0.14 13.71 9.91
CA GLY A 372 -0.77 14.73 10.76
C GLY A 372 -1.16 15.94 9.92
N PHE A 373 -0.28 16.30 8.97
CA PHE A 373 -0.54 17.41 8.06
C PHE A 373 -1.83 17.15 7.29
N ARG A 374 -1.95 15.96 6.70
CA ARG A 374 -3.14 15.60 5.93
C ARG A 374 -4.43 15.71 6.75
N ASN A 375 -4.38 15.33 8.02
CA ASN A 375 -5.55 15.44 8.88
C ASN A 375 -5.91 16.91 9.11
N ALA A 376 -4.89 17.73 9.34
CA ALA A 376 -5.09 19.15 9.60
C ALA A 376 -5.68 19.94 8.43
N VAL A 377 -5.40 19.52 7.21
CA VAL A 377 -5.89 20.22 6.01
C VAL A 377 -7.09 19.57 5.33
N GLU A 378 -7.72 18.63 6.03
CA GLU A 378 -8.87 17.92 5.48
C GLU A 378 -9.95 18.84 4.91
N GLY A 379 -10.37 18.53 3.69
CA GLY A 379 -11.41 19.32 3.05
C GLY A 379 -10.98 20.56 2.29
N THR A 380 -9.69 20.85 2.27
CA THR A 380 -9.21 22.03 1.56
C THR A 380 -8.67 21.62 0.19
N GLN A 381 -8.37 22.63 -0.62
CA GLN A 381 -7.83 22.43 -1.94
C GLN A 381 -6.48 23.15 -2.04
N VAL A 382 -5.73 22.83 -3.08
CA VAL A 382 -4.43 23.43 -3.30
C VAL A 382 -4.63 24.90 -3.67
N GLU A 383 -3.89 25.77 -3.00
CA GLU A 383 -3.96 27.20 -3.25
C GLU A 383 -2.56 27.77 -3.09
N ASN A 384 -2.39 29.04 -3.49
CA ASN A 384 -1.10 29.72 -3.37
C ASN A 384 0.06 28.93 -3.97
N TRP A 385 -0.17 28.32 -5.14
CA TRP A 385 0.87 27.54 -5.81
C TRP A 385 2.00 28.46 -6.27
N TRP A 386 3.24 28.05 -6.00
CA TRP A 386 4.40 28.83 -6.37
C TRP A 386 5.50 27.90 -6.85
N SER A 387 6.37 28.42 -7.72
CA SER A 387 7.51 27.67 -8.20
C SER A 387 8.50 28.70 -8.72
N ASN A 388 9.77 28.31 -8.79
CA ASN A 388 10.80 29.20 -9.29
C ASN A 388 10.99 28.92 -10.80
N ASP A 389 10.00 28.23 -11.38
CA ASP A 389 10.00 27.84 -12.79
C ASP A 389 11.04 26.73 -13.04
N ASP A 390 11.43 26.02 -11.99
CA ASP A 390 12.40 24.95 -12.10
C ASP A 390 12.10 23.81 -11.12
N ASN A 391 12.93 23.63 -10.10
CA ASN A 391 12.74 22.55 -9.13
C ASN A 391 12.40 22.97 -7.71
N GLN A 392 11.79 24.14 -7.57
CA GLN A 392 11.38 24.63 -6.26
C GLN A 392 9.90 24.96 -6.37
N ILE A 393 9.09 24.31 -5.54
CA ILE A 393 7.65 24.53 -5.55
C ILE A 393 7.14 24.66 -4.14
N ALA A 394 5.97 25.27 -4.01
CA ALA A 394 5.32 25.46 -2.72
C ALA A 394 3.84 25.68 -2.99
N PHE A 395 3.02 25.33 -2.01
CA PHE A 395 1.58 25.51 -2.12
C PHE A 395 0.95 25.29 -0.76
N SER A 396 -0.23 25.84 -0.57
CA SER A 396 -0.92 25.68 0.69
C SER A 396 -2.16 24.86 0.43
N ARG A 397 -2.72 24.32 1.49
CA ARG A 397 -3.93 23.54 1.42
C ARG A 397 -4.89 24.44 2.19
N GLY A 398 -5.69 25.19 1.45
CA GLY A 398 -6.61 26.13 2.07
C GLY A 398 -5.78 27.09 2.90
N SER A 399 -6.22 27.35 4.13
CA SER A 399 -5.50 28.25 5.03
C SER A 399 -5.09 27.42 6.25
N GLN A 400 -4.99 26.11 6.05
CA GLN A 400 -4.68 25.19 7.13
C GLN A 400 -3.28 24.57 7.13
N GLY A 401 -2.62 24.54 5.98
CA GLY A 401 -1.30 23.96 5.89
C GLY A 401 -0.51 24.49 4.70
N PHE A 402 0.82 24.48 4.81
CA PHE A 402 1.71 24.95 3.76
C PHE A 402 2.90 24.01 3.65
N VAL A 403 3.35 23.77 2.43
CA VAL A 403 4.47 22.87 2.18
C VAL A 403 5.37 23.42 1.06
N ALA A 404 6.67 23.25 1.21
CA ALA A 404 7.64 23.73 0.23
C ALA A 404 8.66 22.65 -0.07
N PHE A 405 9.08 22.56 -1.33
CA PHE A 405 10.04 21.57 -1.77
C PHE A 405 11.14 22.20 -2.61
N THR A 406 12.29 21.56 -2.62
CA THR A 406 13.40 21.98 -3.46
C THR A 406 14.20 20.75 -3.87
N ASN A 407 14.36 20.60 -5.17
CA ASN A 407 15.13 19.50 -5.73
C ASN A 407 16.18 20.13 -6.64
N GLY A 408 16.59 21.35 -6.28
CA GLY A 408 17.59 22.06 -7.06
C GLY A 408 17.77 23.47 -6.55
N GLY A 409 18.92 23.72 -5.92
CA GLY A 409 19.23 25.02 -5.37
C GLY A 409 18.62 25.26 -3.99
N ASP A 410 19.06 26.32 -3.33
CA ASP A 410 18.56 26.66 -2.00
C ASP A 410 17.27 27.47 -2.15
N LEU A 411 16.27 27.15 -1.34
CA LEU A 411 15.01 27.87 -1.39
C LEU A 411 15.02 28.91 -0.29
N ASN A 412 15.00 30.17 -0.69
CA ASN A 412 14.97 31.29 0.25
C ASN A 412 14.01 32.26 -0.40
N GLN A 413 12.76 32.25 0.02
CA GLN A 413 11.74 33.12 -0.54
C GLN A 413 10.75 33.56 0.51
N ASN A 414 10.22 34.77 0.34
CA ASN A 414 9.20 35.25 1.26
C ASN A 414 7.94 34.90 0.50
N LEU A 415 7.30 33.80 0.88
CA LEU A 415 6.11 33.33 0.20
C LEU A 415 4.85 33.54 1.01
N ASN A 416 3.72 33.47 0.30
CA ASN A 416 2.41 33.61 0.92
C ASN A 416 1.97 32.21 1.31
N THR A 417 1.97 31.92 2.60
CA THR A 417 1.58 30.61 3.09
C THR A 417 0.07 30.46 3.16
N GLY A 418 -0.63 31.58 3.23
CA GLY A 418 -2.08 31.54 3.33
C GLY A 418 -2.50 31.18 4.75
N LEU A 419 -1.53 31.05 5.65
CA LEU A 419 -1.79 30.69 7.04
C LEU A 419 -1.92 31.90 7.95
N PRO A 420 -2.64 31.74 9.07
CA PRO A 420 -2.81 32.85 10.02
C PRO A 420 -1.46 33.17 10.65
N ALA A 421 -1.30 34.40 11.12
CA ALA A 421 -0.05 34.82 11.75
C ALA A 421 0.26 33.91 12.93
N GLY A 422 1.54 33.69 13.18
CA GLY A 422 1.95 32.85 14.29
C GLY A 422 3.26 32.18 14.02
N THR A 423 3.71 31.34 14.95
CA THR A 423 4.95 30.62 14.77
C THR A 423 4.59 29.14 14.63
N TYR A 424 5.01 28.55 13.53
CA TYR A 424 4.70 27.15 13.24
C TYR A 424 5.92 26.27 13.30
N CYS A 425 5.72 25.04 13.79
CA CYS A 425 6.82 24.09 13.87
C CYS A 425 6.84 23.28 12.57
N ASP A 426 8.01 23.19 11.96
CA ASP A 426 8.17 22.41 10.74
C ASP A 426 8.06 20.95 11.18
N VAL A 427 7.04 20.25 10.68
CA VAL A 427 6.82 18.84 11.06
C VAL A 427 7.76 17.83 10.41
N ILE A 428 8.61 18.29 9.51
CA ILE A 428 9.56 17.43 8.83
C ILE A 428 10.85 17.31 9.64
N SER A 429 11.37 18.45 10.09
CA SER A 429 12.63 18.47 10.85
C SER A 429 12.41 18.31 12.35
N GLY A 430 11.17 18.45 12.79
CA GLY A 430 10.87 18.31 14.20
C GLY A 430 9.38 18.30 14.41
N GLU A 431 8.96 18.72 15.59
CA GLU A 431 7.55 18.77 15.93
C GLU A 431 7.38 19.62 17.19
N LEU A 432 6.13 19.98 17.46
CA LEU A 432 5.78 20.78 18.63
C LEU A 432 5.93 19.94 19.90
N SER A 433 6.82 20.39 20.78
CA SER A 433 7.10 19.69 22.03
C SER A 433 7.47 20.66 23.15
N GLY A 434 6.93 20.41 24.33
CA GLY A 434 7.21 21.23 25.49
C GLY A 434 6.96 22.72 25.27
N GLY A 435 6.12 23.04 24.28
CA GLY A 435 5.79 24.42 23.99
C GLY A 435 6.73 25.10 23.00
N SER A 436 7.67 24.33 22.46
CA SER A 436 8.61 24.86 21.49
C SER A 436 8.77 23.87 20.34
N CYS A 437 9.39 24.31 19.26
CA CYS A 437 9.60 23.46 18.10
C CYS A 437 10.93 22.77 18.28
N THR A 438 10.93 21.45 18.17
CA THR A 438 12.16 20.67 18.30
C THR A 438 13.06 20.85 17.09
N GLY A 439 12.46 21.23 15.97
CA GLY A 439 13.22 21.44 14.75
C GLY A 439 13.10 22.88 14.28
N LYS A 440 12.95 23.07 12.98
CA LYS A 440 12.83 24.42 12.44
C LYS A 440 11.45 24.98 12.73
N SER A 441 11.35 26.31 12.74
CA SER A 441 10.09 26.99 12.98
C SER A 441 9.94 28.09 11.93
N VAL A 442 8.70 28.41 11.59
CA VAL A 442 8.41 29.43 10.58
C VAL A 442 7.48 30.46 11.18
N THR A 443 7.84 31.73 11.04
CA THR A 443 7.01 32.81 11.55
C THR A 443 6.17 33.39 10.40
N VAL A 444 4.86 33.28 10.53
CA VAL A 444 3.94 33.79 9.53
C VAL A 444 3.44 35.17 9.96
N GLY A 445 3.51 36.13 9.06
CA GLY A 445 3.09 37.50 9.33
C GLY A 445 1.59 37.69 9.31
N ASP A 446 1.18 38.93 9.57
CA ASP A 446 -0.24 39.30 9.59
C ASP A 446 -0.93 39.04 8.25
N ASN A 447 -0.17 39.09 7.17
CA ASN A 447 -0.67 38.89 5.81
C ASN A 447 -0.58 37.45 5.30
N GLY A 448 -0.03 36.56 6.13
CA GLY A 448 0.10 35.17 5.72
C GLY A 448 1.43 34.93 5.02
N SER A 449 2.23 35.98 4.88
CA SER A 449 3.52 35.89 4.22
C SER A 449 4.56 35.40 5.22
N ALA A 450 5.61 34.74 4.72
CA ALA A 450 6.66 34.22 5.59
C ALA A 450 7.97 33.93 4.83
N ASP A 451 9.08 34.02 5.55
CA ASP A 451 10.38 33.75 4.98
C ASP A 451 10.60 32.24 5.05
N ILE A 452 10.61 31.59 3.90
CA ILE A 452 10.81 30.15 3.83
C ILE A 452 12.27 29.91 3.46
N SER A 453 12.95 29.11 4.27
CA SER A 453 14.34 28.79 4.03
C SER A 453 14.46 27.27 3.99
N LEU A 454 15.12 26.76 2.96
CA LEU A 454 15.31 25.32 2.81
C LEU A 454 16.52 25.08 1.92
N GLY A 455 17.65 24.78 2.54
CA GLY A 455 18.86 24.53 1.80
C GLY A 455 18.85 23.18 1.12
N SER A 456 19.49 23.12 -0.04
CA SER A 456 19.57 21.88 -0.80
C SER A 456 20.50 20.87 -0.13
N ALA A 457 21.18 21.31 0.92
CA ALA A 457 22.11 20.44 1.64
C ALA A 457 21.54 19.90 2.94
N GLU A 458 20.31 20.27 3.26
CA GLU A 458 19.68 19.78 4.49
C GLU A 458 19.36 18.29 4.31
N ASP A 459 19.10 17.60 5.42
CA ASP A 459 18.78 16.18 5.36
C ASP A 459 17.49 15.89 4.58
N ASP A 460 16.60 16.87 4.53
CA ASP A 460 15.34 16.72 3.82
C ASP A 460 15.14 17.87 2.84
N GLY A 461 14.42 17.62 1.76
CA GLY A 461 14.18 18.64 0.76
C GLY A 461 12.74 19.13 0.81
N VAL A 462 12.12 19.02 1.96
CA VAL A 462 10.76 19.44 2.14
C VAL A 462 10.55 20.11 3.51
N LEU A 463 9.65 21.08 3.53
CA LEU A 463 9.31 21.80 4.74
C LEU A 463 7.78 21.84 4.76
N ALA A 464 7.18 21.51 5.90
CA ALA A 464 5.72 21.50 6.01
C ALA A 464 5.26 22.02 7.36
N ILE A 465 4.27 22.90 7.33
CA ILE A 465 3.71 23.50 8.54
C ILE A 465 2.19 23.50 8.42
N HIS A 466 1.51 23.44 9.56
CA HIS A 466 0.04 23.43 9.57
C HIS A 466 -0.48 23.95 10.91
N VAL A 467 -1.76 24.32 10.91
CA VAL A 467 -2.40 24.87 12.10
C VAL A 467 -2.40 24.03 13.39
N ASN A 468 -2.16 22.72 13.28
CA ASN A 468 -2.13 21.89 14.48
C ASN A 468 -0.73 21.72 15.07
N ALA A 469 0.24 22.43 14.51
CA ALA A 469 1.62 22.39 15.00
C ALA A 469 2.07 23.85 15.07
N LYS A 470 1.18 24.66 15.66
CA LYS A 470 1.39 26.09 15.83
C LYS A 470 1.62 26.40 17.30
N LEU A 471 2.50 27.37 17.56
CA LEU A 471 2.81 27.80 18.92
C LEU A 471 1.82 28.89 19.33
N CYS B 1 5.40 -12.51 -23.99
CA CYS B 1 6.33 -12.21 -22.88
C CYS B 1 5.59 -11.35 -21.86
N ILE B 2 6.19 -11.19 -20.68
CA ILE B 2 5.58 -10.41 -19.62
C ILE B 2 6.06 -8.95 -19.63
N PRO B 3 5.13 -7.99 -19.77
CA PRO B 3 5.49 -6.58 -19.80
C PRO B 3 5.98 -6.10 -18.44
N LYS B 4 6.71 -4.98 -18.43
CA LYS B 4 7.29 -4.42 -17.22
C LYS B 4 6.32 -4.29 -16.03
N TRP B 5 6.85 -4.59 -14.83
CA TRP B 5 6.15 -4.54 -13.56
C TRP B 5 5.20 -5.69 -13.28
N ASN B 6 4.95 -6.53 -14.28
CA ASN B 6 4.06 -7.66 -14.10
C ASN B 6 4.74 -8.89 -13.51
N ARG B 7 3.92 -9.79 -13.00
CA ARG B 7 4.37 -11.02 -12.35
C ARG B 7 5.17 -11.97 -13.23
N CYS B 8 6.32 -12.42 -12.74
CA CYS B 8 7.17 -13.35 -13.47
C CYS B 8 7.82 -14.36 -12.53
N GLY B 9 8.26 -15.48 -13.09
CA GLY B 9 8.90 -16.54 -12.35
C GLY B 9 9.27 -17.57 -13.39
N PRO B 10 10.28 -17.28 -14.23
CA PRO B 10 10.78 -18.12 -15.31
C PRO B 10 11.03 -19.61 -14.99
N LYS B 11 11.51 -19.91 -13.80
CA LYS B 11 11.78 -21.30 -13.43
C LYS B 11 10.49 -22.11 -13.29
N MET B 12 9.37 -21.40 -13.12
CA MET B 12 8.08 -22.08 -12.97
C MET B 12 7.42 -22.42 -14.30
N ASP B 13 7.36 -21.45 -15.21
CA ASP B 13 6.68 -21.67 -16.49
C ASP B 13 7.48 -21.38 -17.76
N GLY B 14 8.71 -20.91 -17.61
CA GLY B 14 9.53 -20.58 -18.76
C GLY B 14 9.16 -19.32 -19.51
N VAL B 15 8.13 -18.59 -19.05
CA VAL B 15 7.70 -17.35 -19.70
C VAL B 15 8.68 -16.24 -19.35
N PRO B 16 9.29 -15.62 -20.38
CA PRO B 16 10.24 -14.55 -20.11
C PRO B 16 9.63 -13.14 -20.08
N CYS B 17 10.37 -12.22 -19.47
CA CYS B 17 9.96 -10.83 -19.40
C CYS B 17 10.25 -10.28 -20.80
N CYS B 18 9.48 -9.29 -21.23
CA CYS B 18 9.72 -8.69 -22.54
C CYS B 18 11.01 -7.90 -22.41
N GLU B 19 11.79 -7.87 -23.47
CA GLU B 19 13.05 -7.14 -23.47
C GLU B 19 12.78 -5.67 -23.12
N PRO B 20 13.75 -4.99 -22.50
CA PRO B 20 15.02 -5.53 -22.00
C PRO B 20 14.98 -5.88 -20.51
N TYR B 21 13.80 -6.19 -20.00
CA TYR B 21 13.67 -6.48 -18.58
C TYR B 21 13.90 -7.93 -18.19
N THR B 22 14.23 -8.13 -16.92
CA THR B 22 14.46 -9.46 -16.37
C THR B 22 13.65 -9.60 -15.10
N CYS B 23 13.46 -10.84 -14.68
CA CYS B 23 12.67 -11.11 -13.50
C CYS B 23 13.52 -10.95 -12.25
N THR B 24 12.93 -10.29 -11.25
CA THR B 24 13.61 -10.07 -9.97
C THR B 24 13.74 -11.38 -9.19
N SER B 25 13.03 -12.42 -9.61
CA SER B 25 13.05 -13.71 -8.95
C SER B 25 12.92 -14.81 -9.99
N ASP B 26 13.29 -16.03 -9.61
CA ASP B 26 13.20 -17.19 -10.50
C ASP B 26 11.83 -17.80 -10.35
N TYR B 27 11.18 -17.51 -9.22
CA TYR B 27 9.87 -18.09 -8.90
C TYR B 27 8.70 -17.13 -8.81
N TYR B 28 8.89 -16.00 -8.15
CA TYR B 28 7.81 -15.04 -7.98
C TYR B 28 8.39 -13.64 -7.78
N GLY B 29 8.37 -12.86 -8.86
CA GLY B 29 8.88 -11.51 -8.81
C GLY B 29 8.20 -10.65 -9.86
N ASN B 30 8.86 -9.57 -10.26
CA ASN B 30 8.31 -8.68 -11.27
C ASN B 30 9.37 -8.40 -12.33
N CYS B 31 8.92 -8.04 -13.52
CA CYS B 31 9.82 -7.72 -14.61
C CYS B 31 10.25 -6.26 -14.52
N SER B 32 11.53 -6.02 -14.25
CA SER B 32 12.03 -4.65 -14.17
C SER B 32 13.52 -4.62 -14.46
#